data_8UC2
#
_entry.id   8UC2
#
_cell.length_a   80.109
_cell.length_b   97.490
_cell.length_c   98.040
_cell.angle_alpha   90.00
_cell.angle_beta   90.00
_cell.angle_gamma   90.00
#
_symmetry.space_group_name_H-M   'I 2 2 2'
#
loop_
_entity.id
_entity.type
_entity.pdbx_description
1 polymer '2-oxoglutarate-dependent ethylene/succinate-forming enzyme'
2 non-polymer 'BENZOIC ACID'
3 non-polymer 'NICKEL (II) ION'
4 non-polymer 1,2-ETHANEDIOL
5 non-polymer 'CALCIUM ION'
6 water water
#
_entity_poly.entity_id   1
_entity_poly.type   'polypeptide(L)'
_entity_poly.pdbx_seq_one_letter_code
;MTNLQTFELPTEVTGCAADISLGRALIQAWQKDGIFQIKTDSEQDRKTQEAMAASKQFCKEPLTFKSSCVSDLTYSGYVA
SGEEVTAGKPDFPEIFTVCKDLSVGDQRVKAGWPCHGPVPWPNNTYQKSMKTFMEELGLAGERLLKLTALGFELPINTFT
DLTRDGWHHMAVLRFPPQTSTLSRGIGAHTDYGLLVIAAQDDVGGLYIRPPVEGEKRNRNWLPGESSAGMFEHDEPWTFV
TPTPGVWTVFPGDILQFMTGGQLLSTPHKVKLNTRERFACAYFHEPNFEASAYPLFEPSANERIHYGEHFTNMFMRCYPD
RITTQRINKENRLAHLEDLKKYSDTRATGS
;
_entity_poly.pdbx_strand_id   A
#
loop_
_chem_comp.id
_chem_comp.type
_chem_comp.name
_chem_comp.formula
BEZ non-polymer 'BENZOIC ACID' 'C7 H6 O2'
CA non-polymer 'CALCIUM ION' 'Ca 2'
EDO non-polymer 1,2-ETHANEDIOL 'C2 H6 O2'
NI non-polymer 'NICKEL (II) ION' 'Ni 2'
#
# COMPACT_ATOMS: atom_id res chain seq x y z
N ASN A 3 1.71 -21.19 -10.11
CA ASN A 3 1.86 -21.21 -8.66
C ASN A 3 2.95 -20.25 -8.21
N LEU A 4 2.59 -19.32 -7.35
CA LEU A 4 3.56 -18.33 -6.87
C LEU A 4 4.61 -19.00 -6.00
N GLN A 5 5.79 -18.38 -5.95
CA GLN A 5 6.83 -18.82 -5.04
C GLN A 5 6.49 -18.38 -3.62
N THR A 6 6.86 -19.21 -2.66
CA THR A 6 6.57 -18.97 -1.24
C THR A 6 7.87 -18.96 -0.44
N PHE A 7 8.05 -17.95 0.39
CA PHE A 7 9.23 -17.81 1.22
C PHE A 7 8.83 -17.70 2.68
N GLU A 8 9.76 -18.12 3.54
CA GLU A 8 9.57 -17.95 5.00
C GLU A 8 10.61 -16.93 5.44
N LEU A 9 10.15 -15.80 5.99
CA LEU A 9 11.08 -14.79 6.45
C LEU A 9 11.59 -15.14 7.85
N PRO A 10 12.86 -14.88 8.12
CA PRO A 10 13.36 -15.02 9.48
C PRO A 10 12.81 -13.91 10.34
N THR A 11 12.73 -14.17 11.65
CA THR A 11 12.22 -13.15 12.57
C THR A 11 13.09 -11.90 12.54
N GLU A 12 14.41 -12.09 12.60
CA GLU A 12 15.36 -10.99 12.47
C GLU A 12 16.23 -11.21 11.23
N VAL A 13 16.58 -10.12 10.56
CA VAL A 13 17.50 -10.14 9.43
C VAL A 13 18.79 -9.47 9.88
N THR A 14 19.92 -10.18 9.77
CA THR A 14 21.18 -9.66 10.29
C THR A 14 22.25 -9.45 9.23
N GLY A 15 22.09 -10.00 8.04
CA GLY A 15 23.09 -9.89 7.01
C GLY A 15 23.93 -11.14 6.81
N CYS A 16 23.58 -12.25 7.46
CA CYS A 16 24.30 -13.51 7.29
C CYS A 16 24.06 -14.06 5.88
N ALA A 17 24.72 -15.18 5.58
CA ALA A 17 24.68 -15.74 4.23
C ALA A 17 23.28 -16.21 3.86
N ALA A 18 22.59 -16.85 4.79
CA ALA A 18 21.20 -17.23 4.51
C ALA A 18 20.35 -16.02 4.18
N ASP A 19 20.63 -14.87 4.81
CA ASP A 19 19.84 -13.66 4.56
C ASP A 19 20.09 -13.12 3.16
N ILE A 20 21.36 -13.06 2.76
CA ILE A 20 21.70 -12.55 1.43
C ILE A 20 21.14 -13.47 0.36
N SER A 21 21.26 -14.78 0.55
N SER A 21 21.26 -14.78 0.55
CA SER A 21 20.70 -15.73 -0.41
CA SER A 21 20.72 -15.73 -0.41
C SER A 21 19.20 -15.56 -0.54
C SER A 21 19.20 -15.58 -0.53
N LEU A 22 18.51 -15.42 0.60
CA LEU A 22 17.07 -15.20 0.55
C LEU A 22 16.73 -13.87 -0.12
N GLY A 23 17.48 -12.80 0.18
CA GLY A 23 17.23 -11.53 -0.47
C GLY A 23 17.37 -11.61 -1.98
N ARG A 24 18.40 -12.31 -2.46
N ARG A 24 18.40 -12.31 -2.46
CA ARG A 24 18.56 -12.51 -3.90
CA ARG A 24 18.57 -12.51 -3.90
C ARG A 24 17.38 -13.28 -4.47
C ARG A 24 17.39 -13.28 -4.47
N ALA A 25 16.90 -14.29 -3.74
CA ALA A 25 15.76 -15.07 -4.23
C ALA A 25 14.51 -14.23 -4.30
N LEU A 26 14.30 -13.34 -3.33
CA LEU A 26 13.12 -12.47 -3.38
C LEU A 26 13.18 -11.56 -4.59
N ILE A 27 14.34 -10.94 -4.83
CA ILE A 27 14.52 -10.09 -6.00
C ILE A 27 14.28 -10.89 -7.28
N GLN A 28 14.85 -12.09 -7.38
CA GLN A 28 14.64 -12.91 -8.56
C GLN A 28 13.16 -13.25 -8.76
N ALA A 29 12.44 -13.51 -7.66
CA ALA A 29 11.01 -13.82 -7.79
C ALA A 29 10.22 -12.61 -8.26
N TRP A 30 10.52 -11.41 -7.75
CA TRP A 30 9.89 -10.22 -8.30
C TRP A 30 10.24 -10.02 -9.78
N GLN A 31 11.49 -10.30 -10.15
CA GLN A 31 11.91 -10.07 -11.53
C GLN A 31 11.27 -11.07 -12.49
N LYS A 32 10.94 -12.28 -12.01
CA LYS A 32 10.32 -13.30 -12.83
C LYS A 32 8.79 -13.20 -12.81
N ASP A 33 8.21 -13.09 -11.60
CA ASP A 33 6.77 -13.23 -11.41
C ASP A 33 6.07 -11.94 -11.00
N GLY A 34 6.80 -10.92 -10.56
CA GLY A 34 6.18 -9.67 -10.11
C GLY A 34 5.61 -9.73 -8.72
N ILE A 35 5.72 -10.87 -8.03
CA ILE A 35 5.07 -11.07 -6.74
C ILE A 35 5.59 -12.37 -6.16
N PHE A 36 5.49 -12.51 -4.84
CA PHE A 36 5.70 -13.80 -4.20
C PHE A 36 4.86 -13.85 -2.92
N GLN A 37 4.74 -15.05 -2.35
CA GLN A 37 4.04 -15.27 -1.10
C GLN A 37 5.04 -15.36 0.03
N ILE A 38 4.65 -14.88 1.21
CA ILE A 38 5.43 -15.12 2.43
C ILE A 38 4.54 -15.86 3.40
N LYS A 39 5.08 -16.90 4.04
CA LYS A 39 4.32 -17.67 5.00
C LYS A 39 3.94 -16.80 6.19
N THR A 40 2.75 -17.06 6.73
CA THR A 40 2.33 -16.47 7.99
C THR A 40 2.32 -17.54 9.07
N ASP A 41 2.75 -17.16 10.27
CA ASP A 41 2.62 -18.09 11.38
C ASP A 41 1.21 -17.98 11.97
N SER A 42 0.94 -18.78 13.00
CA SER A 42 -0.43 -18.88 13.49
C SER A 42 -0.92 -17.55 14.06
N GLU A 43 -0.03 -16.76 14.68
CA GLU A 43 -0.47 -15.46 15.20
C GLU A 43 -0.67 -14.45 14.07
N GLN A 44 0.25 -14.40 13.10
CA GLN A 44 0.04 -13.55 11.94
C GLN A 44 -1.25 -13.90 11.24
N ASP A 45 -1.53 -15.20 11.09
CA ASP A 45 -2.75 -15.62 10.42
C ASP A 45 -3.98 -15.27 11.25
N ARG A 46 -3.93 -15.51 12.55
CA ARG A 46 -5.05 -15.17 13.41
C ARG A 46 -5.38 -13.69 13.31
N LYS A 47 -4.36 -12.84 13.39
CA LYS A 47 -4.60 -11.40 13.31
C LYS A 47 -5.14 -10.99 11.96
N THR A 48 -4.73 -11.68 10.88
CA THR A 48 -5.30 -11.42 9.57
C THR A 48 -6.79 -11.74 9.56
N GLN A 49 -7.15 -12.91 10.08
CA GLN A 49 -8.56 -13.32 10.03
C GLN A 49 -9.43 -12.41 10.89
N GLU A 50 -8.92 -11.99 12.05
CA GLU A 50 -9.72 -11.12 12.91
C GLU A 50 -9.92 -9.75 12.26
N ALA A 51 -8.92 -9.27 11.53
CA ALA A 51 -9.08 -8.02 10.78
C ALA A 51 -10.16 -8.16 9.70
N MET A 52 -10.10 -9.24 8.93
N MET A 52 -10.15 -9.25 8.96
CA MET A 52 -11.14 -9.50 7.93
CA MET A 52 -11.18 -9.38 7.93
C MET A 52 -12.51 -9.52 8.58
C MET A 52 -12.55 -9.60 8.53
N ALA A 53 -12.63 -10.17 9.74
CA ALA A 53 -13.93 -10.30 10.41
C ALA A 53 -14.44 -8.94 10.86
N ALA A 54 -13.55 -8.13 11.43
CA ALA A 54 -13.96 -6.79 11.83
C ALA A 54 -14.42 -5.99 10.62
N SER A 55 -13.74 -6.15 9.49
CA SER A 55 -14.14 -5.45 8.27
C SER A 55 -15.54 -5.86 7.84
N LYS A 56 -15.80 -7.16 7.80
CA LYS A 56 -17.12 -7.65 7.42
C LYS A 56 -18.21 -7.11 8.35
N GLN A 57 -17.95 -7.10 9.63
N GLN A 57 -17.95 -7.10 9.64
CA GLN A 57 -18.96 -6.59 10.59
CA GLN A 57 -18.96 -6.60 10.60
C GLN A 57 -19.21 -5.11 10.36
C GLN A 57 -19.21 -5.11 10.33
N PHE A 58 -18.13 -4.35 10.14
CA PHE A 58 -18.30 -2.92 9.92
C PHE A 58 -19.06 -2.63 8.64
N CYS A 59 -18.75 -3.38 7.57
CA CYS A 59 -19.45 -3.11 6.31
C CYS A 59 -20.93 -3.40 6.38
N LYS A 60 -21.39 -4.21 7.36
CA LYS A 60 -22.81 -4.47 7.56
C LYS A 60 -23.53 -3.31 8.25
N GLU A 61 -22.81 -2.35 8.82
CA GLU A 61 -23.44 -1.20 9.46
C GLU A 61 -24.13 -0.33 8.43
N PRO A 62 -25.13 0.45 8.85
CA PRO A 62 -25.84 1.32 7.91
C PRO A 62 -24.91 2.33 7.26
N LEU A 63 -25.22 2.66 6.00
CA LEU A 63 -24.37 3.59 5.25
C LEU A 63 -24.23 4.93 5.96
N THR A 64 -25.30 5.39 6.62
CA THR A 64 -25.20 6.67 7.34
C THR A 64 -24.13 6.60 8.43
N PHE A 65 -23.99 5.44 9.09
CA PHE A 65 -22.95 5.31 10.10
C PHE A 65 -21.58 5.18 9.45
N LYS A 66 -21.47 4.35 8.42
CA LYS A 66 -20.17 4.19 7.75
C LYS A 66 -19.66 5.53 7.24
N SER A 67 -20.55 6.33 6.63
CA SER A 67 -20.16 7.62 6.09
C SER A 67 -19.73 8.61 7.17
N SER A 68 -20.09 8.37 8.43
CA SER A 68 -19.67 9.27 9.50
C SER A 68 -18.25 9.02 9.96
N CYS A 69 -17.65 7.89 9.57
CA CYS A 69 -16.29 7.53 9.99
C CYS A 69 -15.29 8.22 9.06
N VAL A 70 -15.22 9.55 9.22
CA VAL A 70 -14.40 10.39 8.37
C VAL A 70 -13.78 11.50 9.22
N SER A 71 -12.70 12.09 8.71
CA SER A 71 -11.95 13.11 9.44
C SER A 71 -11.49 14.21 8.48
N ASP A 72 -11.47 15.46 8.96
CA ASP A 72 -10.94 16.54 8.13
C ASP A 72 -9.47 16.80 8.41
N LEU A 73 -8.82 15.95 9.22
CA LEU A 73 -7.40 16.06 9.47
C LEU A 73 -6.58 14.99 8.77
N THR A 74 -7.13 13.79 8.64
CA THR A 74 -6.43 12.66 8.04
C THR A 74 -7.32 12.03 6.97
N TYR A 75 -6.70 11.36 6.01
CA TYR A 75 -7.48 10.62 5.00
C TYR A 75 -7.97 9.28 5.52
N SER A 76 -7.62 8.90 6.76
CA SER A 76 -8.14 7.68 7.36
C SER A 76 -9.66 7.75 7.40
N GLY A 77 -10.31 6.60 7.21
CA GLY A 77 -11.74 6.51 7.36
C GLY A 77 -12.41 5.93 6.13
N TYR A 78 -13.73 6.07 6.07
CA TYR A 78 -14.54 5.36 5.12
C TYR A 78 -14.57 6.03 3.75
N VAL A 79 -14.49 5.20 2.71
CA VAL A 79 -14.58 5.60 1.31
C VAL A 79 -15.71 4.78 0.69
N ALA A 80 -16.78 5.44 0.28
CA ALA A 80 -17.87 4.67 -0.31
C ALA A 80 -17.47 4.17 -1.70
N SER A 81 -18.22 3.18 -2.19
N SER A 81 -18.24 3.20 -2.19
CA SER A 81 -17.94 2.64 -3.51
CA SER A 81 -17.89 2.46 -3.40
C SER A 81 -18.11 3.71 -4.57
C SER A 81 -17.97 3.30 -4.68
N GLY A 82 -17.16 3.77 -5.49
N GLY A 82 -17.92 4.62 -4.57
CA GLY A 82 -17.15 4.77 -6.53
CA GLY A 82 -17.81 5.46 -5.78
C GLY A 82 -16.39 6.04 -6.19
C GLY A 82 -16.62 6.38 -5.65
N GLU A 83 -16.01 6.18 -4.92
N GLU A 83 -15.53 5.88 -5.08
CA GLU A 83 -15.27 7.40 -4.49
CA GLU A 83 -14.29 6.68 -4.91
C GLU A 83 -13.81 7.33 -4.92
C GLU A 83 -13.77 7.23 -6.24
N GLU A 84 -13.23 6.12 -4.99
N GLU A 84 -12.92 8.26 -6.17
CA GLU A 84 -11.82 6.04 -5.49
CA GLU A 84 -12.34 8.88 -7.38
C GLU A 84 -11.83 5.90 -7.01
C GLU A 84 -10.83 8.67 -7.35
N LYS A 89 -12.23 5.74 -15.02
CA LYS A 89 -13.28 4.83 -14.59
C LYS A 89 -13.23 4.61 -13.08
N PRO A 90 -14.32 4.93 -12.38
CA PRO A 90 -14.33 4.76 -10.92
C PRO A 90 -14.39 3.28 -10.56
N ASP A 91 -13.84 2.95 -9.39
N ASP A 91 -13.83 2.97 -9.39
CA ASP A 91 -13.73 1.56 -8.99
CA ASP A 91 -13.72 1.59 -8.96
C ASP A 91 -14.73 1.24 -7.87
C ASP A 91 -14.95 1.21 -8.14
N PHE A 92 -15.01 -0.06 -7.76
CA PHE A 92 -16.18 -0.56 -7.03
C PHE A 92 -16.06 -0.84 -5.52
N PRO A 93 -14.89 -1.01 -4.90
CA PRO A 93 -14.88 -1.44 -3.50
C PRO A 93 -15.27 -0.32 -2.56
N GLU A 94 -15.81 -0.71 -1.40
CA GLU A 94 -15.81 0.23 -0.29
C GLU A 94 -14.56 -0.01 0.53
N ILE A 95 -14.05 1.06 1.11
CA ILE A 95 -12.71 1.04 1.69
C ILE A 95 -12.78 1.73 3.04
N PHE A 96 -12.05 1.18 4.00
CA PHE A 96 -11.68 1.93 5.19
C PHE A 96 -10.17 2.08 5.14
N THR A 97 -9.71 3.33 5.10
CA THR A 97 -8.29 3.63 5.03
C THR A 97 -7.75 3.81 6.43
N VAL A 98 -6.69 3.09 6.77
CA VAL A 98 -6.02 3.27 8.06
C VAL A 98 -4.65 3.89 7.82
N CYS A 99 -4.48 5.17 8.23
CA CYS A 99 -3.19 5.83 8.26
C CYS A 99 -2.66 5.87 9.68
N LYS A 100 -1.47 6.44 9.85
CA LYS A 100 -0.89 6.57 11.19
C LYS A 100 -1.88 7.26 12.11
N ASP A 101 -2.10 6.67 13.28
CA ASP A 101 -3.18 7.11 14.19
C ASP A 101 -2.57 8.08 15.21
N LEU A 102 -2.70 9.37 14.94
CA LEU A 102 -2.04 10.40 15.74
C LEU A 102 -3.07 11.24 16.47
N SER A 103 -2.89 11.37 17.78
CA SER A 103 -3.84 12.15 18.56
C SER A 103 -3.65 13.64 18.31
N VAL A 104 -4.64 14.44 18.70
CA VAL A 104 -4.53 15.87 18.52
C VAL A 104 -3.44 16.47 19.40
N GLY A 105 -2.93 15.71 20.37
CA GLY A 105 -1.79 16.12 21.15
C GLY A 105 -0.45 15.88 20.50
N ASP A 106 -0.41 15.11 19.42
CA ASP A 106 0.85 14.89 18.72
C ASP A 106 1.36 16.20 18.12
N GLN A 107 2.68 16.40 18.17
CA GLN A 107 3.26 17.69 17.75
C GLN A 107 2.97 17.99 16.28
N ARG A 108 2.87 16.95 15.44
CA ARG A 108 2.61 17.17 14.02
C ARG A 108 1.16 17.57 13.78
N VAL A 109 0.25 16.98 14.56
CA VAL A 109 -1.15 17.34 14.45
C VAL A 109 -1.39 18.74 14.99
N LYS A 110 -0.75 19.06 16.12
CA LYS A 110 -0.85 20.41 16.66
C LYS A 110 -0.38 21.44 15.66
N ALA A 111 0.68 21.12 14.91
CA ALA A 111 1.24 22.01 13.90
C ALA A 111 0.47 21.99 12.59
N GLY A 112 -0.59 21.18 12.49
CA GLY A 112 -1.41 21.15 11.30
C GLY A 112 -0.77 20.55 10.07
N TRP A 113 0.16 19.61 10.24
CA TRP A 113 0.75 18.98 9.07
C TRP A 113 -0.33 18.30 8.25
N PRO A 114 -0.31 18.43 6.92
CA PRO A 114 -1.34 17.77 6.11
C PRO A 114 -1.35 16.28 6.35
N CYS A 115 -2.54 15.70 6.47
CA CYS A 115 -2.82 14.26 6.52
C CYS A 115 -2.59 13.67 7.90
N HIS A 116 -2.18 14.47 8.90
CA HIS A 116 -1.87 13.96 10.24
C HIS A 116 -3.07 14.17 11.16
N GLY A 117 -3.56 13.07 11.74
CA GLY A 117 -4.68 13.17 12.64
C GLY A 117 -5.17 11.79 13.09
N PRO A 118 -6.16 11.78 13.97
CA PRO A 118 -6.64 10.52 14.55
C PRO A 118 -7.56 9.75 13.60
N VAL A 119 -7.35 8.44 13.53
CA VAL A 119 -8.24 7.59 12.72
C VAL A 119 -9.65 7.67 13.28
N PRO A 120 -10.68 7.93 12.44
CA PRO A 120 -12.09 7.90 12.91
C PRO A 120 -12.60 6.46 12.99
N TRP A 121 -12.12 5.74 14.00
CA TRP A 121 -12.42 4.33 14.15
C TRP A 121 -13.93 4.11 14.34
N PRO A 122 -14.50 3.07 13.74
CA PRO A 122 -15.92 2.78 14.01
C PRO A 122 -16.16 2.28 15.41
N ASN A 123 -15.21 1.54 15.99
CA ASN A 123 -15.34 1.05 17.36
C ASN A 123 -13.96 0.57 17.81
N ASN A 124 -13.84 0.29 19.11
CA ASN A 124 -12.56 -0.10 19.69
C ASN A 124 -12.14 -1.49 19.26
N THR A 125 -13.09 -2.40 19.05
CA THR A 125 -12.71 -3.76 18.64
C THR A 125 -12.08 -3.76 17.25
N TYR A 126 -12.69 -3.00 16.33
CA TYR A 126 -12.12 -2.80 15.01
C TYR A 126 -10.73 -2.14 15.11
N GLN A 127 -10.62 -1.10 15.92
CA GLN A 127 -9.33 -0.42 16.10
C GLN A 127 -8.25 -1.40 16.54
N LYS A 128 -8.53 -2.20 17.57
CA LYS A 128 -7.50 -3.08 18.10
C LYS A 128 -7.12 -4.15 17.08
N SER A 129 -8.10 -4.67 16.34
CA SER A 129 -7.81 -5.68 15.33
CA SER A 129 -7.80 -5.68 15.33
C SER A 129 -6.91 -5.12 14.24
N MET A 130 -7.20 -3.90 13.76
CA MET A 130 -6.39 -3.34 12.69
C MET A 130 -5.01 -2.95 13.19
N LYS A 131 -4.91 -2.40 14.40
CA LYS A 131 -3.60 -1.98 14.90
C LYS A 131 -2.68 -3.19 15.09
N THR A 132 -3.17 -4.26 15.70
CA THR A 132 -2.26 -5.38 15.91
C THR A 132 -1.91 -6.07 14.59
N PHE A 133 -2.85 -6.12 13.64
CA PHE A 133 -2.56 -6.65 12.31
C PHE A 133 -1.49 -5.81 11.62
N MET A 134 -1.64 -4.48 11.67
CA MET A 134 -0.68 -3.62 11.00
C MET A 134 0.68 -3.64 11.68
N GLU A 135 0.73 -3.91 12.99
CA GLU A 135 2.03 -4.05 13.63
C GLU A 135 2.77 -5.28 13.09
N GLU A 136 2.06 -6.40 12.89
CA GLU A 136 2.70 -7.57 12.30
C GLU A 136 3.11 -7.30 10.86
N LEU A 137 2.23 -6.63 10.09
CA LEU A 137 2.58 -6.32 8.71
C LEU A 137 3.82 -5.46 8.64
N GLY A 138 3.95 -4.52 9.58
CA GLY A 138 5.13 -3.67 9.60
C GLY A 138 6.40 -4.45 9.90
N LEU A 139 6.32 -5.40 10.84
CA LEU A 139 7.49 -6.22 11.11
C LEU A 139 7.90 -6.98 9.85
N ALA A 140 6.93 -7.50 9.09
CA ALA A 140 7.27 -8.18 7.85
C ALA A 140 7.86 -7.23 6.84
N GLY A 141 7.28 -6.03 6.72
CA GLY A 141 7.81 -5.04 5.79
C GLY A 141 9.26 -4.70 6.08
N GLU A 142 9.60 -4.54 7.35
CA GLU A 142 11.00 -4.26 7.69
C GLU A 142 11.92 -5.42 7.33
N ARG A 143 11.51 -6.67 7.63
CA ARG A 143 12.31 -7.82 7.21
C ARG A 143 12.54 -7.79 5.71
N LEU A 144 11.47 -7.56 4.95
CA LEU A 144 11.53 -7.56 3.50
C LEU A 144 12.50 -6.51 2.99
N LEU A 145 12.48 -5.32 3.61
CA LEU A 145 13.32 -4.23 3.11
C LEU A 145 14.78 -4.46 3.45
N LYS A 146 15.06 -5.08 4.61
CA LYS A 146 16.44 -5.47 4.88
C LYS A 146 16.92 -6.56 3.92
N LEU A 147 16.07 -7.54 3.64
CA LEU A 147 16.45 -8.59 2.70
C LEU A 147 16.67 -8.04 1.30
N THR A 148 15.80 -7.12 0.86
CA THR A 148 15.96 -6.53 -0.47
C THR A 148 17.27 -5.75 -0.56
N ALA A 149 17.58 -4.97 0.46
CA ALA A 149 18.86 -4.26 0.47
C ALA A 149 20.03 -5.23 0.33
N LEU A 150 20.04 -6.28 1.16
CA LEU A 150 21.12 -7.27 1.11
C LEU A 150 21.20 -7.93 -0.24
N GLY A 151 20.04 -8.20 -0.85
CA GLY A 151 20.01 -8.86 -2.14
C GLY A 151 20.64 -8.03 -3.25
N PHE A 152 20.60 -6.71 -3.11
CA PHE A 152 21.24 -5.78 -4.04
C PHE A 152 22.67 -5.41 -3.61
N GLU A 153 23.22 -6.07 -2.60
CA GLU A 153 24.55 -5.76 -2.07
C GLU A 153 24.66 -4.32 -1.58
N LEU A 154 23.56 -3.84 -0.99
CA LEU A 154 23.50 -2.55 -0.36
C LEU A 154 23.61 -2.69 1.14
N PRO A 155 24.03 -1.63 1.85
CA PRO A 155 24.00 -1.67 3.30
C PRO A 155 22.63 -2.07 3.80
N ILE A 156 22.61 -2.91 4.83
CA ILE A 156 21.37 -3.59 5.24
C ILE A 156 20.27 -2.59 5.58
N ASN A 157 20.63 -1.42 6.07
CA ASN A 157 19.61 -0.45 6.50
C ASN A 157 19.31 0.59 5.43
N THR A 158 19.66 0.31 4.17
CA THR A 158 19.48 1.31 3.12
C THR A 158 18.02 1.75 3.01
N PHE A 159 17.09 0.79 2.98
CA PHE A 159 15.67 1.17 2.88
C PHE A 159 15.07 1.46 4.26
N THR A 160 15.43 0.68 5.27
CA THR A 160 14.82 0.89 6.58
C THR A 160 15.23 2.21 7.20
N ASP A 161 16.38 2.77 6.80
CA ASP A 161 16.70 4.12 7.27
C ASP A 161 15.64 5.12 6.83
N LEU A 162 14.97 4.86 5.72
CA LEU A 162 13.93 5.77 5.23
C LEU A 162 12.58 5.52 5.86
N THR A 163 12.36 4.34 6.43
CA THR A 163 11.04 3.94 6.92
C THR A 163 10.91 4.01 8.44
N ARG A 164 11.87 4.61 9.13
CA ARG A 164 11.69 4.85 10.56
C ARG A 164 10.48 5.75 10.76
N ASP A 165 9.59 5.35 11.68
CA ASP A 165 8.27 5.98 11.85
C ASP A 165 7.57 6.18 10.52
N GLY A 166 7.67 5.19 9.64
CA GLY A 166 7.21 5.38 8.28
C GLY A 166 5.71 5.57 8.18
N TRP A 167 5.30 6.13 7.05
CA TRP A 167 3.91 6.50 6.83
C TRP A 167 3.10 5.29 6.33
N HIS A 168 3.13 4.23 7.12
CA HIS A 168 2.49 2.98 6.71
C HIS A 168 0.99 3.17 6.73
N HIS A 169 0.30 2.55 5.79
CA HIS A 169 -1.15 2.69 5.80
C HIS A 169 -1.75 1.47 5.15
N MET A 170 -3.07 1.35 5.26
CA MET A 170 -3.72 0.14 4.79
C MET A 170 -5.09 0.47 4.21
N ALA A 171 -5.41 -0.16 3.07
CA ALA A 171 -6.75 -0.13 2.51
C ALA A 171 -7.47 -1.40 2.95
N VAL A 172 -8.51 -1.26 3.76
CA VAL A 172 -9.34 -2.37 4.19
C VAL A 172 -10.53 -2.43 3.23
N LEU A 173 -10.54 -3.43 2.34
CA LEU A 173 -11.37 -3.43 1.15
C LEU A 173 -12.51 -4.43 1.23
N ARG A 174 -13.68 -4.04 0.74
CA ARG A 174 -14.74 -4.99 0.43
CA ARG A 174 -14.74 -4.99 0.43
C ARG A 174 -15.21 -4.75 -0.98
N PHE A 175 -15.05 -5.76 -1.83
CA PHE A 175 -15.58 -5.68 -3.19
C PHE A 175 -16.99 -6.26 -3.24
N PRO A 176 -17.93 -5.59 -3.89
CA PRO A 176 -19.28 -6.14 -4.03
C PRO A 176 -19.28 -7.32 -4.99
N PRO A 177 -20.31 -8.14 -4.97
CA PRO A 177 -20.49 -9.11 -6.04
C PRO A 177 -20.76 -8.38 -7.35
N GLN A 178 -20.45 -9.07 -8.45
CA GLN A 178 -20.83 -8.60 -9.77
C GLN A 178 -22.34 -8.42 -9.85
N THR A 179 -22.79 -7.28 -10.40
CA THR A 179 -24.21 -7.00 -10.52
C THR A 179 -24.66 -6.68 -11.93
N SER A 180 -23.76 -6.68 -12.90
CA SER A 180 -24.07 -6.46 -14.30
C SER A 180 -22.99 -7.16 -15.11
N THR A 181 -22.97 -6.90 -16.43
CA THR A 181 -21.84 -7.41 -17.22
C THR A 181 -20.51 -6.81 -16.78
N LEU A 182 -20.51 -5.72 -16.01
CA LEU A 182 -19.26 -5.09 -15.61
C LEU A 182 -18.61 -5.89 -14.48
N SER A 183 -17.29 -6.15 -14.59
CA SER A 183 -16.63 -6.84 -13.49
C SER A 183 -15.28 -6.23 -13.13
N ARG A 184 -14.96 -5.04 -13.62
N ARG A 184 -14.96 -5.03 -13.61
CA ARG A 184 -13.74 -4.34 -13.26
CA ARG A 184 -13.71 -4.36 -13.26
C ARG A 184 -13.91 -3.79 -11.85
C ARG A 184 -13.86 -3.77 -11.86
N GLY A 185 -13.33 -4.47 -10.86
CA GLY A 185 -13.41 -3.98 -9.49
C GLY A 185 -12.46 -2.82 -9.24
N ILE A 186 -11.18 -3.01 -9.58
CA ILE A 186 -10.19 -1.95 -9.68
C ILE A 186 -9.43 -2.17 -10.99
N GLY A 187 -9.26 -1.12 -11.77
CA GLY A 187 -8.57 -1.25 -13.03
C GLY A 187 -7.08 -1.42 -12.87
N ALA A 188 -6.43 -1.80 -13.97
CA ALA A 188 -4.98 -1.99 -13.96
C ALA A 188 -4.28 -0.70 -13.57
N HIS A 189 -3.35 -0.79 -12.62
CA HIS A 189 -2.55 0.34 -12.19
C HIS A 189 -1.35 -0.17 -11.41
N THR A 190 -0.43 0.74 -11.10
CA THR A 190 0.67 0.39 -10.21
C THR A 190 0.55 1.18 -8.92
N ASP A 191 1.12 0.62 -7.86
CA ASP A 191 1.09 1.30 -6.55
C ASP A 191 2.10 2.44 -6.53
N TYR A 192 1.71 3.55 -5.93
CA TYR A 192 2.59 4.74 -5.96
C TYR A 192 3.65 4.73 -4.88
N GLY A 193 3.60 3.74 -4.00
CA GLY A 193 4.53 3.78 -2.87
C GLY A 193 5.69 2.82 -2.94
N LEU A 194 6.18 2.45 -1.78
CA LEU A 194 7.40 1.65 -1.69
C LEU A 194 7.12 0.15 -1.83
N LEU A 195 6.37 -0.43 -0.90
CA LEU A 195 6.16 -1.87 -0.83
C LEU A 195 4.69 -2.16 -0.53
N VAL A 196 4.13 -3.21 -1.14
CA VAL A 196 2.76 -3.64 -0.87
C VAL A 196 2.80 -5.05 -0.29
N ILE A 197 2.12 -5.25 0.83
CA ILE A 197 1.84 -6.57 1.38
C ILE A 197 0.34 -6.74 1.40
N ALA A 198 -0.16 -7.84 0.83
CA ALA A 198 -1.59 -7.99 0.63
C ALA A 198 -2.09 -9.30 1.24
N ALA A 199 -3.27 -9.23 1.85
CA ALA A 199 -3.97 -10.38 2.40
C ALA A 199 -5.37 -10.45 1.79
N GLN A 200 -5.92 -11.65 1.68
CA GLN A 200 -7.25 -11.78 1.10
C GLN A 200 -7.98 -12.96 1.73
N ASP A 201 -9.30 -12.95 1.59
CA ASP A 201 -10.10 -14.10 2.01
C ASP A 201 -10.07 -15.18 0.92
N ASP A 202 -10.97 -16.16 0.98
CA ASP A 202 -10.88 -17.28 0.05
C ASP A 202 -11.64 -17.09 -1.26
N VAL A 203 -12.13 -15.88 -1.53
CA VAL A 203 -13.05 -15.68 -2.65
C VAL A 203 -12.31 -15.62 -3.98
N GLY A 204 -11.32 -14.75 -4.08
CA GLY A 204 -10.54 -14.62 -5.30
C GLY A 204 -10.90 -13.45 -6.19
N GLY A 205 -9.89 -12.75 -6.71
CA GLY A 205 -10.12 -11.62 -7.58
C GLY A 205 -8.90 -10.77 -7.94
N LEU A 206 -7.78 -10.93 -7.23
CA LEU A 206 -6.60 -10.12 -7.51
C LEU A 206 -5.80 -10.71 -8.67
N TYR A 207 -5.43 -9.88 -9.65
CA TYR A 207 -4.56 -10.29 -10.75
C TYR A 207 -3.38 -9.33 -10.80
N ILE A 208 -2.20 -9.85 -11.11
CA ILE A 208 -1.01 -9.03 -11.21
C ILE A 208 -0.30 -9.34 -12.53
N ARG A 209 0.49 -8.39 -13.00
CA ARG A 209 1.22 -8.58 -14.25
C ARG A 209 2.70 -8.77 -13.95
N PRO A 210 3.30 -9.90 -14.33
CA PRO A 210 4.73 -10.08 -14.13
C PRO A 210 5.51 -9.20 -15.09
N PRO A 211 6.81 -9.01 -14.86
CA PRO A 211 7.62 -8.37 -15.89
C PRO A 211 7.55 -9.15 -17.18
N VAL A 212 7.58 -8.43 -18.30
CA VAL A 212 7.49 -9.03 -19.63
C VAL A 212 8.68 -8.55 -20.45
N GLU A 213 9.46 -9.49 -20.97
CA GLU A 213 10.63 -9.13 -21.75
C GLU A 213 10.23 -8.32 -22.98
N GLY A 214 10.88 -7.17 -23.17
CA GLY A 214 10.62 -6.31 -24.30
C GLY A 214 9.43 -5.40 -24.17
N GLU A 215 8.76 -5.39 -23.01
CA GLU A 215 7.55 -4.61 -22.82
C GLU A 215 7.89 -3.30 -22.12
N LYS A 216 7.52 -2.18 -22.74
CA LYS A 216 7.81 -0.87 -22.18
C LYS A 216 6.91 -0.61 -20.97
N ARG A 217 7.53 -0.17 -19.87
CA ARG A 217 6.78 0.21 -18.66
C ARG A 217 7.04 1.68 -18.36
N ASN A 218 5.96 2.40 -18.09
CA ASN A 218 6.08 3.81 -17.74
C ASN A 218 6.62 3.97 -16.32
N ARG A 219 7.17 5.14 -16.06
CA ARG A 219 7.64 5.50 -14.72
C ARG A 219 6.52 6.32 -14.08
N ASN A 220 5.65 5.64 -13.34
CA ASN A 220 4.37 6.24 -12.94
C ASN A 220 4.52 7.40 -11.96
N TRP A 221 5.71 7.60 -11.39
CA TRP A 221 5.93 8.75 -10.51
C TRP A 221 6.15 10.04 -11.28
N LEU A 222 6.31 9.98 -12.60
CA LEU A 222 6.55 11.22 -13.33
C LEU A 222 5.23 11.82 -13.79
N PRO A 223 5.14 13.16 -13.78
CA PRO A 223 3.89 13.81 -14.21
C PRO A 223 3.42 13.40 -15.59
N GLY A 224 4.34 13.22 -16.54
CA GLY A 224 3.96 12.91 -17.90
C GLY A 224 3.86 11.45 -18.28
N GLU A 225 4.16 10.53 -17.35
CA GLU A 225 4.05 9.10 -17.61
C GLU A 225 3.08 8.52 -16.59
N SER A 226 2.03 7.88 -17.06
CA SER A 226 1.08 7.18 -16.20
C SER A 226 1.02 5.72 -16.60
N SER A 227 1.02 4.84 -15.61
CA SER A 227 0.83 3.41 -15.86
C SER A 227 -0.63 3.00 -15.77
N ALA A 228 -1.51 3.94 -15.45
CA ALA A 228 -2.90 3.60 -15.20
C ALA A 228 -3.58 3.09 -16.47
N GLY A 229 -4.25 1.95 -16.35
CA GLY A 229 -4.96 1.36 -17.47
C GLY A 229 -4.11 0.56 -18.43
N MET A 230 -2.79 0.62 -18.31
CA MET A 230 -1.96 -0.03 -19.32
C MET A 230 -2.01 -1.54 -19.16
N PHE A 231 -2.07 -2.23 -20.31
CA PHE A 231 -2.09 -3.68 -20.42
C PHE A 231 -3.37 -4.31 -19.89
N GLU A 232 -4.39 -3.51 -19.60
CA GLU A 232 -5.58 -4.02 -18.93
C GLU A 232 -6.14 -5.26 -19.62
N HIS A 233 -6.16 -5.27 -20.95
CA HIS A 233 -6.85 -6.32 -21.71
C HIS A 233 -5.90 -7.26 -22.43
N ASP A 234 -4.64 -7.27 -22.00
CA ASP A 234 -3.64 -8.12 -22.66
C ASP A 234 -2.93 -9.02 -21.65
N GLU A 235 -2.74 -10.26 -22.03
CA GLU A 235 -1.96 -11.18 -21.17
C GLU A 235 -0.51 -10.71 -21.17
N PRO A 236 0.31 -11.08 -20.17
CA PRO A 236 -0.13 -11.90 -19.06
C PRO A 236 -0.69 -11.28 -17.77
N TRP A 237 -1.79 -11.84 -17.27
CA TRP A 237 -2.27 -11.48 -15.93
C TRP A 237 -2.33 -12.74 -15.09
N THR A 238 -1.56 -12.75 -14.01
CA THR A 238 -1.50 -13.88 -13.09
C THR A 238 -2.59 -13.76 -12.03
N PHE A 239 -3.42 -14.78 -11.91
CA PHE A 239 -4.43 -14.83 -10.88
C PHE A 239 -3.75 -15.17 -9.55
N VAL A 240 -3.94 -14.31 -8.54
CA VAL A 240 -3.30 -14.52 -7.24
C VAL A 240 -4.25 -15.41 -6.45
N THR A 241 -4.04 -16.72 -6.60
CA THR A 241 -4.98 -17.70 -6.04
C THR A 241 -5.06 -17.57 -4.52
N PRO A 242 -6.25 -17.45 -3.94
CA PRO A 242 -6.37 -17.51 -2.48
C PRO A 242 -5.73 -18.77 -1.93
N THR A 243 -4.84 -18.58 -0.97
CA THR A 243 -3.99 -19.62 -0.40
C THR A 243 -3.95 -19.43 1.11
N PRO A 244 -4.33 -20.42 1.91
CA PRO A 244 -4.22 -20.27 3.36
C PRO A 244 -2.78 -20.05 3.80
N GLY A 245 -2.62 -19.24 4.83
CA GLY A 245 -1.34 -19.13 5.52
C GLY A 245 -0.26 -18.35 4.78
N VAL A 246 -0.64 -17.43 3.91
CA VAL A 246 0.32 -16.55 3.24
C VAL A 246 -0.24 -15.15 3.12
N TRP A 247 0.68 -14.19 3.01
CA TRP A 247 0.45 -12.89 2.41
C TRP A 247 1.22 -12.82 1.09
N THR A 248 0.85 -11.88 0.22
CA THR A 248 1.64 -11.66 -0.98
C THR A 248 2.35 -10.31 -0.89
N VAL A 249 3.38 -10.15 -1.70
CA VAL A 249 4.29 -8.99 -1.59
C VAL A 249 4.70 -8.55 -2.99
N PHE A 250 4.56 -7.26 -3.29
CA PHE A 250 5.07 -6.78 -4.57
C PHE A 250 5.58 -5.36 -4.45
N PRO A 251 6.48 -4.94 -5.33
CA PRO A 251 7.04 -3.59 -5.27
C PRO A 251 6.11 -2.53 -5.83
N GLY A 252 6.22 -1.32 -5.28
CA GLY A 252 5.54 -0.16 -5.81
C GLY A 252 6.47 0.76 -6.59
N ASP A 253 5.91 1.91 -6.99
CA ASP A 253 6.62 2.86 -7.85
C ASP A 253 7.92 3.33 -7.23
N ILE A 254 7.94 3.53 -5.91
CA ILE A 254 9.14 4.08 -5.28
C ILE A 254 10.28 3.05 -5.28
N LEU A 255 9.96 1.76 -5.17
CA LEU A 255 11.02 0.77 -5.33
C LEU A 255 11.52 0.72 -6.77
N GLN A 256 10.62 0.84 -7.75
CA GLN A 256 11.09 0.94 -9.13
C GLN A 256 12.01 2.13 -9.30
N PHE A 257 11.62 3.29 -8.75
CA PHE A 257 12.43 4.50 -8.84
C PHE A 257 13.78 4.32 -8.19
N MET A 258 13.81 3.81 -6.94
CA MET A 258 15.07 3.72 -6.23
C MET A 258 16.01 2.71 -6.87
N THR A 259 15.47 1.64 -7.46
CA THR A 259 16.30 0.62 -8.09
C THR A 259 16.54 0.88 -9.57
N GLY A 260 16.11 2.03 -10.09
CA GLY A 260 16.37 2.33 -11.49
C GLY A 260 15.75 1.33 -12.44
N GLY A 261 14.62 0.74 -12.06
CA GLY A 261 13.95 -0.21 -12.90
C GLY A 261 14.41 -1.65 -12.77
N GLN A 262 15.39 -1.93 -11.90
CA GLN A 262 15.76 -3.33 -11.70
C GLN A 262 14.61 -4.09 -11.05
N LEU A 263 13.83 -3.43 -10.20
CA LEU A 263 12.49 -3.89 -9.86
C LEU A 263 11.49 -3.02 -10.62
N LEU A 264 10.42 -3.64 -11.08
CA LEU A 264 9.32 -2.92 -11.70
C LEU A 264 8.13 -2.88 -10.77
N SER A 265 7.48 -1.73 -10.69
CA SER A 265 6.25 -1.64 -9.93
C SER A 265 5.19 -2.56 -10.54
N THR A 266 4.66 -3.49 -9.74
CA THR A 266 3.80 -4.54 -10.31
C THR A 266 2.42 -4.01 -10.66
N PRO A 267 2.01 -4.06 -11.92
CA PRO A 267 0.61 -3.70 -12.24
C PRO A 267 -0.34 -4.70 -11.61
N HIS A 268 -1.46 -4.20 -11.11
CA HIS A 268 -2.42 -5.09 -10.49
C HIS A 268 -3.82 -4.54 -10.73
N LYS A 269 -4.79 -5.44 -10.64
CA LYS A 269 -6.19 -5.13 -10.89
C LYS A 269 -7.03 -6.13 -10.12
N VAL A 270 -8.29 -5.79 -9.88
CA VAL A 270 -9.18 -6.71 -9.18
C VAL A 270 -10.43 -6.93 -10.02
N LYS A 271 -10.82 -8.19 -10.18
CA LYS A 271 -12.04 -8.58 -10.87
C LYS A 271 -13.12 -8.86 -9.83
N LEU A 272 -14.32 -8.28 -10.00
CA LEU A 272 -15.41 -8.64 -9.11
C LEU A 272 -15.75 -10.12 -9.27
N ASN A 273 -16.03 -10.78 -8.15
CA ASN A 273 -16.44 -12.17 -8.13
C ASN A 273 -17.96 -12.23 -8.12
N THR A 274 -18.51 -13.44 -8.07
CA THR A 274 -19.96 -13.56 -7.99
C THR A 274 -20.47 -13.46 -6.55
N ARG A 275 -19.58 -13.29 -5.59
CA ARG A 275 -19.93 -12.95 -4.22
C ARG A 275 -18.97 -11.88 -3.76
N GLU A 276 -19.31 -11.25 -2.65
CA GLU A 276 -18.45 -10.21 -2.09
C GLU A 276 -17.09 -10.78 -1.70
N ARG A 277 -16.09 -9.90 -1.68
CA ARG A 277 -14.70 -10.31 -1.45
C ARG A 277 -14.05 -9.33 -0.50
N PHE A 278 -13.39 -9.83 0.53
CA PHE A 278 -12.66 -9.01 1.49
C PHE A 278 -11.16 -9.17 1.28
N ALA A 279 -10.46 -8.04 1.34
CA ALA A 279 -9.01 -8.04 1.21
C ALA A 279 -8.47 -6.86 1.99
N CYS A 280 -7.19 -6.94 2.31
CA CYS A 280 -6.47 -5.85 2.98
C CYS A 280 -5.19 -5.61 2.21
N ALA A 281 -4.98 -4.38 1.76
CA ALA A 281 -3.77 -4.01 1.03
C ALA A 281 -2.98 -3.10 1.94
N TYR A 282 -1.81 -3.56 2.38
CA TYR A 282 -0.96 -2.85 3.31
C TYR A 282 0.19 -2.19 2.58
N PHE A 283 0.42 -0.91 2.89
CA PHE A 283 1.39 -0.07 2.20
C PHE A 283 2.48 0.33 3.18
N HIS A 284 3.69 -0.22 2.97
CA HIS A 284 4.82 0.02 3.85
C HIS A 284 5.69 1.12 3.24
N GLU A 285 5.87 2.23 3.97
CA GLU A 285 6.29 3.47 3.33
C GLU A 285 7.45 4.15 4.03
N PRO A 286 8.14 5.03 3.32
CA PRO A 286 9.05 5.97 3.98
C PRO A 286 8.33 6.82 5.00
N ASN A 287 9.14 7.42 5.87
CA ASN A 287 8.68 8.50 6.73
C ASN A 287 8.10 9.64 5.88
N PHE A 288 7.08 10.31 6.43
CA PHE A 288 6.46 11.44 5.73
C PHE A 288 7.49 12.50 5.31
N GLU A 289 8.57 12.65 6.07
CA GLU A 289 9.60 13.64 5.80
C GLU A 289 10.75 13.10 4.97
N ALA A 290 10.76 11.82 4.65
CA ALA A 290 11.87 11.19 3.94
C ALA A 290 11.73 11.37 2.43
N SER A 291 12.87 11.35 1.76
CA SER A 291 12.94 11.41 0.30
C SER A 291 13.61 10.15 -0.24
N ALA A 292 12.92 9.49 -1.17
CA ALA A 292 13.54 8.43 -1.95
C ALA A 292 14.50 9.02 -2.98
N TYR A 293 15.51 8.23 -3.34
CA TYR A 293 16.56 8.69 -4.24
C TYR A 293 17.05 7.50 -5.06
N PRO A 294 17.65 7.75 -6.23
CA PRO A 294 18.17 6.64 -7.05
C PRO A 294 19.42 6.02 -6.42
N LEU A 295 19.37 4.71 -6.22
CA LEU A 295 20.47 4.00 -5.56
C LEU A 295 21.65 3.77 -6.49
N PHE A 296 21.38 3.51 -7.77
CA PHE A 296 22.41 3.04 -8.68
C PHE A 296 22.82 4.09 -9.70
N GLU A 297 22.32 5.32 -9.57
CA GLU A 297 22.69 6.43 -10.43
C GLU A 297 23.07 7.59 -9.55
N PRO A 298 24.34 7.67 -9.15
CA PRO A 298 24.82 8.88 -8.47
C PRO A 298 24.81 10.06 -9.42
N SER A 299 24.81 11.26 -8.84
CA SER A 299 24.67 12.52 -9.56
C SER A 299 23.31 12.66 -10.24
N ALA A 300 22.37 11.75 -9.94
CA ALA A 300 20.98 11.96 -10.30
C ALA A 300 20.35 12.87 -9.25
N ASN A 301 19.64 13.90 -9.69
CA ASN A 301 19.10 14.88 -8.72
C ASN A 301 17.64 14.55 -8.37
N GLU A 302 17.02 13.66 -9.13
CA GLU A 302 15.62 13.34 -8.89
C GLU A 302 15.43 12.77 -7.48
N ARG A 303 14.35 13.22 -6.83
CA ARG A 303 13.94 12.71 -5.53
C ARG A 303 12.43 12.51 -5.55
N ILE A 304 11.94 11.69 -4.63
CA ILE A 304 10.51 11.60 -4.33
C ILE A 304 10.37 11.91 -2.85
N HIS A 305 9.93 13.13 -2.51
CA HIS A 305 9.60 13.45 -1.12
C HIS A 305 8.30 12.74 -0.76
N TYR A 306 8.37 11.81 0.20
CA TYR A 306 7.24 10.89 0.35
C TYR A 306 5.98 11.62 0.82
N GLY A 307 6.10 12.49 1.82
CA GLY A 307 4.90 13.17 2.31
C GLY A 307 4.22 13.99 1.23
N GLU A 308 5.01 14.66 0.39
CA GLU A 308 4.43 15.39 -0.73
C GLU A 308 3.76 14.43 -1.70
N HIS A 309 4.41 13.30 -1.97
CA HIS A 309 3.89 12.29 -2.88
C HIS A 309 2.54 11.77 -2.40
N PHE A 310 2.46 11.40 -1.11
CA PHE A 310 1.21 10.90 -0.53
C PHE A 310 0.13 11.97 -0.54
N THR A 311 0.47 13.18 -0.06
CA THR A 311 -0.54 14.22 0.07
C THR A 311 -1.12 14.59 -1.28
N ASN A 312 -0.27 14.71 -2.30
CA ASN A 312 -0.76 15.07 -3.63
C ASN A 312 -1.69 14.00 -4.19
N MET A 313 -1.35 12.73 -3.96
CA MET A 313 -2.15 11.64 -4.50
C MET A 313 -3.54 11.64 -3.87
N PHE A 314 -3.62 11.77 -2.55
CA PHE A 314 -4.93 11.71 -1.91
C PHE A 314 -5.75 12.97 -2.18
N MET A 315 -5.12 14.13 -2.31
CA MET A 315 -5.87 15.32 -2.70
C MET A 315 -6.44 15.18 -4.10
N ARG A 316 -5.68 14.59 -5.02
CA ARG A 316 -6.15 14.43 -6.40
C ARG A 316 -7.24 13.38 -6.48
N CYS A 317 -7.10 12.28 -5.72
CA CYS A 317 -8.12 11.24 -5.72
C CYS A 317 -9.40 11.70 -5.08
N TYR A 318 -9.32 12.54 -4.04
CA TYR A 318 -10.47 12.95 -3.25
C TYR A 318 -10.51 14.45 -3.14
N PRO A 319 -10.75 15.15 -4.25
CA PRO A 319 -10.71 16.62 -4.21
C PRO A 319 -11.82 17.23 -3.33
N ASP A 320 -12.90 16.49 -3.10
CA ASP A 320 -14.04 17.03 -2.37
C ASP A 320 -14.16 16.50 -0.95
N ARG A 321 -13.28 15.60 -0.52
CA ARG A 321 -13.32 15.12 0.86
C ARG A 321 -13.03 16.28 1.79
N ILE A 322 -13.62 16.23 2.99
CA ILE A 322 -13.41 17.32 3.95
C ILE A 322 -11.93 17.49 4.26
N THR A 323 -11.15 16.40 4.23
CA THR A 323 -9.71 16.49 4.46
C THR A 323 -9.04 17.39 3.42
N THR A 324 -9.40 17.22 2.15
CA THR A 324 -8.82 18.05 1.10
C THR A 324 -9.24 19.50 1.24
N GLN A 325 -10.52 19.73 1.60
CA GLN A 325 -11.02 21.08 1.75
C GLN A 325 -10.28 21.82 2.85
N ARG A 326 -10.00 21.14 3.97
CA ARG A 326 -9.33 21.79 5.08
C ARG A 326 -7.87 22.09 4.74
N ILE A 327 -7.22 21.18 4.03
CA ILE A 327 -5.87 21.48 3.55
C ILE A 327 -5.87 22.76 2.71
N ASN A 328 -6.85 22.90 1.82
CA ASN A 328 -6.93 24.10 0.99
C ASN A 328 -7.25 25.34 1.83
N LYS A 329 -8.24 25.24 2.71
CA LYS A 329 -8.69 26.40 3.47
C LYS A 329 -7.58 26.94 4.35
N GLU A 330 -6.81 26.06 4.97
CA GLU A 330 -5.79 26.44 5.93
C GLU A 330 -4.40 26.46 5.32
N ASN A 331 -4.29 26.27 4.01
CA ASN A 331 -3.02 26.25 3.28
C ASN A 331 -2.02 25.29 3.93
N ARG A 332 -2.47 24.07 4.22
CA ARG A 332 -1.62 23.12 4.92
C ARG A 332 -0.46 22.62 4.08
N LEU A 333 -0.54 22.75 2.75
CA LEU A 333 0.61 22.40 1.93
C LEU A 333 1.83 23.26 2.25
N ALA A 334 1.62 24.47 2.77
CA ALA A 334 2.75 25.32 3.14
C ALA A 334 3.66 24.63 4.16
N HIS A 335 3.12 23.78 5.03
CA HIS A 335 3.95 23.12 6.03
C HIS A 335 4.97 22.19 5.38
N LEU A 336 4.60 21.62 4.23
CA LEU A 336 5.53 20.70 3.53
C LEU A 336 6.77 21.47 3.07
N GLU A 337 6.53 22.66 2.51
CA GLU A 337 7.67 23.50 2.06
C GLU A 337 8.54 23.87 3.26
N ASP A 338 7.91 24.24 4.37
CA ASP A 338 8.69 24.71 5.54
C ASP A 338 9.57 23.59 6.09
N LEU A 339 9.06 22.36 6.08
CA LEU A 339 9.78 21.22 6.70
C LEU A 339 11.14 20.98 6.02
N LYS A 340 11.20 21.21 4.72
CA LYS A 340 12.46 21.00 3.95
C LYS A 340 13.48 22.13 4.19
N LYS A 341 13.04 23.33 4.58
CA LYS A 341 13.98 24.45 4.75
C LYS A 341 15.06 24.05 5.77
N TYR A 342 16.27 24.60 5.63
CA TYR A 342 17.36 24.37 6.63
C TYR A 342 17.80 22.89 6.70
N SER A 343 17.45 22.09 5.70
CA SER A 343 17.87 20.67 5.63
C SER A 343 18.79 20.48 4.43
N ASP A 344 19.50 19.36 4.38
CA ASP A 344 20.47 19.11 3.29
C ASP A 344 19.80 18.33 2.14
N THR A 345 19.56 19.02 1.02
CA THR A 345 18.98 18.36 -0.18
C THR A 345 19.33 19.20 -1.40
C BEZ B . -6.68 -6.92 -3.38
O1 BEZ B . -6.31 -8.08 -3.14
O2 BEZ B . -7.89 -6.67 -3.55
C1 BEZ B . -5.66 -5.82 -3.50
C2 BEZ B . -4.33 -6.09 -3.21
C3 BEZ B . -3.39 -5.07 -3.34
C4 BEZ B . -3.77 -3.80 -3.76
C5 BEZ B . -5.11 -3.54 -4.06
C6 BEZ B . -6.05 -4.55 -3.92
NI NI C . -2.85 -0.34 -4.97
C1 EDO D . -11.57 23.81 8.12
O1 EDO D . -11.79 23.61 9.53
C2 EDO D . -12.68 23.11 7.37
O2 EDO D . -12.39 23.10 5.96
C1 EDO E . -16.42 7.91 14.48
O1 EDO E . -16.39 9.17 13.78
C2 EDO E . -17.86 7.45 14.68
O2 EDO E . -17.88 6.32 15.57
CA CA F . 2.24 9.77 -13.33
#